data_3BOY
#
_entry.id   3BOY
#
_cell.length_a   99.635
_cell.length_b   76.469
_cell.length_c   62.790
_cell.angle_alpha   90.00
_cell.angle_beta   109.06
_cell.angle_gamma   90.00
#
_symmetry.space_group_name_H-M   'C 1 2 1'
#
loop_
_entity.id
_entity.type
_entity.pdbx_description
1 polymer "5'-R(*UP*UP*UP*AP*GP*UP*UP*UP*UP*UP*AP*GP*UP*UP*UP*UP*UP*AP*GP*UP*UP*U)-3'"
2 polymer 'Hut operon positive regulatory protein'
3 non-polymer 'MAGNESIUM ION'
4 non-polymer HISTIDINE
5 water water
#
loop_
_entity_poly.entity_id
_entity_poly.type
_entity_poly.pdbx_seq_one_letter_code
_entity_poly.pdbx_strand_id
1 'polyribonucleotide' UUUAGUUUUUAGUUUUUAGUUU D
2 'polypeptide(L)'
;TLHKERRIGRLSVLLLLNEAEESTQVEELERDGWKVCLGKVGSMDAHKVIAAIETASKKSGVIQSEGYRESHALYHATME
ALHGVTRGEMLLGSLLRTVGLRFAVLRGNPYESEAEGDWIAVSLYGTIGAPIKGLEHETFGVGINHI
;
A,B,C
#
# COMPACT_ATOMS: atom_id res chain seq x y z
N THR B 1 -23.18 23.94 9.79
CA THR B 1 -23.70 24.03 8.38
C THR B 1 -22.69 24.69 7.44
N LEU B 2 -22.44 24.03 6.32
CA LEU B 2 -21.64 24.60 5.23
C LEU B 2 -22.30 25.84 4.62
N HIS B 3 -21.56 26.95 4.58
CA HIS B 3 -22.05 28.18 3.95
C HIS B 3 -22.06 28.02 2.42
N LYS B 4 -23.21 28.26 1.78
CA LYS B 4 -23.35 27.93 0.36
C LYS B 4 -22.41 28.68 -0.59
N GLU B 5 -21.92 29.85 -0.15
CA GLU B 5 -21.01 30.65 -0.96
C GLU B 5 -19.54 30.42 -0.63
N ARG B 6 -19.27 29.49 0.31
CA ARG B 6 -17.90 29.28 0.82
C ARG B 6 -17.49 27.82 0.77
N ARG B 7 -18.04 27.05 -0.17
CA ARG B 7 -17.75 25.61 -0.24
C ARG B 7 -16.32 25.36 -0.74
N ILE B 8 -15.41 25.24 0.22
CA ILE B 8 -13.97 25.15 -0.03
C ILE B 8 -13.57 24.04 -1.02
N GLY B 9 -14.25 22.89 -0.95
CA GLY B 9 -13.96 21.78 -1.86
C GLY B 9 -14.32 22.16 -3.29
N ARG B 10 -15.58 22.53 -3.50
CA ARG B 10 -16.06 22.94 -4.81
C ARG B 10 -15.23 24.08 -5.41
N LEU B 11 -14.93 25.09 -4.60
CA LEU B 11 -14.08 26.20 -5.03
C LEU B 11 -12.65 25.80 -5.45
N SER B 12 -12.01 24.92 -4.70
CA SER B 12 -10.66 24.48 -5.02
C SER B 12 -10.65 23.73 -6.35
N VAL B 13 -11.73 23.01 -6.64
CA VAL B 13 -11.84 22.20 -7.85
C VAL B 13 -12.10 23.07 -9.09
N LEU B 14 -13.05 23.99 -8.96
CA LEU B 14 -13.34 24.99 -9.98
C LEU B 14 -12.05 25.75 -10.39
N LEU B 15 -11.27 26.16 -9.39
CA LEU B 15 -9.97 26.82 -9.60
C LEU B 15 -9.01 25.92 -10.39
N LEU B 16 -8.93 24.66 -10.01
CA LEU B 16 -8.05 23.72 -10.70
C LEU B 16 -8.44 23.52 -12.16
N LEU B 17 -9.75 23.43 -12.41
CA LEU B 17 -10.25 23.00 -13.72
C LEU B 17 -10.40 24.14 -14.74
N ASN B 18 -10.14 25.36 -14.28
CA ASN B 18 -10.13 26.54 -15.14
C ASN B 18 -8.84 26.76 -15.90
N GLU B 19 -8.98 27.11 -17.17
CA GLU B 19 -7.82 27.35 -18.03
C GLU B 19 -7.83 28.75 -18.66
N ALA B 20 -8.75 29.60 -18.20
CA ALA B 20 -8.85 30.98 -18.69
C ALA B 20 -7.53 31.74 -18.49
N GLU B 21 -6.86 32.00 -19.62
CA GLU B 21 -5.48 32.56 -19.66
C GLU B 21 -5.28 33.83 -18.79
N GLU B 22 -6.28 34.71 -18.81
CA GLU B 22 -6.35 35.79 -17.83
C GLU B 22 -7.53 35.52 -16.90
N SER B 23 -7.24 34.99 -15.71
CA SER B 23 -8.29 34.58 -14.77
C SER B 23 -8.49 35.52 -13.58
N THR B 24 -7.44 35.70 -12.77
CA THR B 24 -7.57 36.44 -11.52
C THR B 24 -8.61 35.81 -10.58
N GLN B 25 -8.83 34.50 -10.76
CA GLN B 25 -9.73 33.73 -9.91
C GLN B 25 -9.12 33.66 -8.51
N VAL B 26 -7.79 33.64 -8.47
CA VAL B 26 -6.99 33.71 -7.26
C VAL B 26 -7.20 35.03 -6.54
N GLU B 27 -7.17 36.14 -7.30
CA GLU B 27 -7.43 37.47 -6.73
C GLU B 27 -8.78 37.60 -6.04
N GLU B 28 -9.86 37.15 -6.68
CA GLU B 28 -11.20 37.13 -6.06
C GLU B 28 -11.23 36.30 -4.78
N LEU B 29 -10.66 35.09 -4.86
CA LEU B 29 -10.61 34.22 -3.67
C LEU B 29 -9.90 34.93 -2.50
N GLU B 30 -8.73 35.48 -2.77
CA GLU B 30 -7.96 36.21 -1.77
C GLU B 30 -8.68 37.43 -1.22
N ARG B 31 -9.47 38.10 -2.07
CA ARG B 31 -10.25 39.25 -1.64
C ARG B 31 -11.33 38.80 -0.69
N ASP B 32 -11.91 37.62 -0.94
CA ASP B 32 -12.93 37.04 -0.04
C ASP B 32 -12.35 36.40 1.24
N GLY B 33 -11.02 36.51 1.42
CA GLY B 33 -10.34 36.10 2.66
C GLY B 33 -9.72 34.71 2.68
N TRP B 34 -9.72 34.04 1.52
CA TRP B 34 -9.11 32.71 1.35
C TRP B 34 -7.61 32.83 1.18
N LYS B 35 -6.86 31.85 1.69
CA LYS B 35 -5.46 31.70 1.35
C LYS B 35 -5.36 30.62 0.28
N VAL B 36 -4.61 30.88 -0.80
CA VAL B 36 -4.67 30.06 -2.03
C VAL B 36 -3.31 29.82 -2.60
N CYS B 37 -3.10 28.61 -3.11
CA CYS B 37 -1.91 28.35 -3.90
C CYS B 37 -2.19 27.32 -4.97
N LEU B 38 -1.52 27.48 -6.11
CA LEU B 38 -1.65 26.60 -7.25
C LEU B 38 -0.27 26.07 -7.61
N GLY B 39 -0.21 24.84 -8.10
CA GLY B 39 1.05 24.26 -8.50
C GLY B 39 0.86 23.14 -9.51
N LYS B 40 1.98 22.55 -9.91
CA LYS B 40 1.99 21.44 -10.83
C LYS B 40 3.11 20.52 -10.39
N VAL B 41 2.89 19.21 -10.52
CA VAL B 41 3.92 18.26 -10.20
C VAL B 41 3.61 16.96 -10.96
N GLY B 42 4.67 16.32 -11.44
CA GLY B 42 4.56 15.04 -12.15
C GLY B 42 5.66 14.16 -11.61
N SER B 43 5.33 12.89 -11.37
CA SER B 43 6.26 11.97 -10.75
C SER B 43 5.83 10.50 -10.79
N MET B 44 6.79 9.58 -10.63
CA MET B 44 6.49 8.18 -10.30
C MET B 44 6.74 7.93 -8.82
N ASP B 45 7.00 9.03 -8.08
CA ASP B 45 7.21 8.93 -6.63
C ASP B 45 6.18 9.76 -5.89
N ALA B 46 5.32 9.12 -5.10
CA ALA B 46 4.33 9.86 -4.33
C ALA B 46 4.97 10.90 -3.42
N HIS B 47 6.11 10.56 -2.82
CA HIS B 47 6.71 11.51 -1.88
C HIS B 47 7.04 12.84 -2.57
N LYS B 48 7.32 12.82 -3.87
CA LYS B 48 7.59 14.06 -4.64
C LYS B 48 6.32 14.89 -4.81
N VAL B 49 5.19 14.21 -4.99
CA VAL B 49 3.92 14.91 -5.03
C VAL B 49 3.60 15.61 -3.68
N ILE B 50 3.76 14.87 -2.57
CA ILE B 50 3.47 15.38 -1.26
C ILE B 50 4.40 16.58 -1.02
N ALA B 51 5.67 16.41 -1.34
CA ALA B 51 6.64 17.48 -1.10
C ALA B 51 6.33 18.77 -1.87
N ALA B 52 5.88 18.65 -3.12
CA ALA B 52 5.57 19.82 -3.94
C ALA B 52 4.43 20.60 -3.34
N ILE B 53 3.38 19.89 -2.89
CA ILE B 53 2.25 20.51 -2.27
C ILE B 53 2.58 21.19 -0.95
N GLU B 54 3.41 20.57 -0.12
CA GLU B 54 3.79 21.17 1.13
C GLU B 54 4.63 22.42 0.89
N THR B 55 5.62 22.29 0.01
CA THR B 55 6.57 23.37 -0.26
C THR B 55 5.91 24.57 -0.91
N ALA B 56 5.05 24.33 -1.91
CA ALA B 56 4.19 25.40 -2.43
C ALA B 56 3.32 26.06 -1.37
N SER B 57 2.71 25.28 -0.47
CA SER B 57 1.77 25.81 0.50
C SER B 57 2.50 26.69 1.50
N LYS B 58 3.70 26.25 1.90
CA LYS B 58 4.48 26.99 2.89
C LYS B 58 5.09 28.29 2.30
N LYS B 59 5.60 28.21 1.07
CA LYS B 59 6.14 29.37 0.35
C LYS B 59 5.10 30.43 0.00
N SER B 60 3.90 30.00 -0.36
CA SER B 60 2.81 30.91 -0.69
C SER B 60 2.09 31.43 0.55
N GLY B 61 2.48 30.94 1.74
CA GLY B 61 1.84 31.34 2.99
C GLY B 61 0.45 30.75 3.28
N VAL B 62 0.08 29.70 2.57
CA VAL B 62 -1.20 29.03 2.84
C VAL B 62 -1.15 28.29 4.19
N ILE B 63 -0.01 27.70 4.52
CA ILE B 63 0.18 27.23 5.88
C ILE B 63 1.47 27.79 6.47
N GLN B 64 1.49 27.86 7.80
CA GLN B 64 2.65 28.27 8.61
C GLN B 64 3.88 27.44 8.31
N SER B 65 5.02 28.09 8.13
CA SER B 65 6.26 27.35 7.98
C SER B 65 6.80 26.81 9.32
N GLU B 66 6.49 27.48 10.43
CA GLU B 66 6.93 27.04 11.75
C GLU B 66 5.98 26.02 12.34
N GLY B 67 6.50 25.07 13.10
CA GLY B 67 5.67 24.23 13.93
C GLY B 67 5.13 23.03 13.14
N TYR B 68 4.43 22.16 13.85
CA TYR B 68 3.91 20.91 13.27
C TYR B 68 2.42 20.98 12.95
N ARG B 69 1.63 21.58 13.84
CA ARG B 69 0.17 21.56 13.72
C ARG B 69 -0.39 21.70 12.28
N GLU B 70 0.04 22.74 11.58
CA GLU B 70 -0.50 23.04 10.24
C GLU B 70 0.06 22.09 9.17
N SER B 71 1.33 21.76 9.28
CA SER B 71 1.93 20.70 8.46
C SER B 71 1.19 19.37 8.65
N HIS B 72 0.82 19.06 9.89
CA HIS B 72 0.10 17.81 10.17
C HIS B 72 -1.25 17.84 9.45
N ALA B 73 -1.95 18.97 9.56
CA ALA B 73 -3.29 19.06 8.91
C ALA B 73 -3.15 18.92 7.42
N LEU B 74 -2.10 19.54 6.83
CA LEU B 74 -1.93 19.52 5.39
C LEU B 74 -1.50 18.14 4.90
N TYR B 75 -0.67 17.46 5.69
CA TYR B 75 -0.25 16.11 5.30
C TYR B 75 -1.50 15.18 5.17
N HIS B 76 -2.35 15.24 6.16
CA HIS B 76 -3.48 14.33 6.15
C HIS B 76 -4.50 14.71 5.11
N ALA B 77 -4.67 16.02 4.86
CA ALA B 77 -5.45 16.43 3.66
C ALA B 77 -4.86 15.93 2.33
N THR B 78 -3.52 15.99 2.21
CA THR B 78 -2.88 15.51 1.02
C THR B 78 -3.10 13.99 0.85
N MET B 79 -3.00 13.27 1.95
CA MET B 79 -3.18 11.81 1.92
C MET B 79 -4.58 11.50 1.41
N GLU B 80 -5.55 12.23 1.93
CA GLU B 80 -6.95 12.00 1.52
C GLU B 80 -7.14 12.30 0.02
N ALA B 81 -6.58 13.40 -0.48
CA ALA B 81 -6.63 13.66 -1.91
C ALA B 81 -5.95 12.57 -2.73
N LEU B 82 -4.83 12.01 -2.22
CA LEU B 82 -4.13 10.96 -2.96
C LEU B 82 -4.97 9.69 -3.08
N HIS B 83 -5.91 9.49 -2.17
CA HIS B 83 -6.74 8.29 -2.29
C HIS B 83 -7.54 8.29 -3.56
N GLY B 84 -8.00 9.48 -3.94
CA GLY B 84 -8.85 9.62 -5.11
C GLY B 84 -8.03 9.41 -6.38
N VAL B 85 -6.78 9.82 -6.30
CA VAL B 85 -5.84 9.70 -7.39
C VAL B 85 -5.37 8.24 -7.57
N THR B 86 -5.10 7.54 -6.47
CA THR B 86 -4.51 6.18 -6.54
C THR B 86 -5.50 5.02 -6.44
N ARG B 87 -6.64 5.29 -5.81
CA ARG B 87 -7.78 4.34 -5.90
C ARG B 87 -7.41 2.92 -5.41
N GLY B 88 -6.73 2.85 -4.27
CA GLY B 88 -6.61 1.59 -3.55
C GLY B 88 -5.24 1.24 -3.07
N GLU B 89 -4.22 1.63 -3.82
CA GLU B 89 -2.86 1.43 -3.36
C GLU B 89 -2.14 2.74 -3.60
N MET B 90 -1.55 3.33 -2.55
CA MET B 90 -0.99 4.68 -2.63
C MET B 90 0.45 4.56 -3.15
N LEU B 91 0.51 3.98 -4.35
CA LEU B 91 1.74 3.64 -5.03
C LEU B 91 1.72 4.09 -6.47
N LEU B 92 2.87 4.56 -6.98
CA LEU B 92 2.94 5.02 -8.34
C LEU B 92 3.97 4.18 -9.11
N GLY B 93 5.25 4.61 -9.12
CA GLY B 93 6.31 3.83 -9.80
C GLY B 93 6.42 2.35 -9.44
N SER B 94 6.24 2.00 -8.17
CA SER B 94 6.28 0.56 -7.80
C SER B 94 5.18 -0.29 -8.45
N LEU B 95 4.11 0.35 -8.90
CA LEU B 95 3.07 -0.33 -9.65
C LEU B 95 3.11 0.06 -11.13
N LEU B 96 4.31 0.44 -11.59
CA LEU B 96 4.49 0.78 -13.03
C LEU B 96 3.48 1.83 -13.52
N ARG B 97 3.24 2.85 -12.70
CA ARG B 97 2.47 3.98 -13.17
C ARG B 97 3.04 5.34 -12.76
N THR B 98 2.65 6.35 -13.52
CA THR B 98 3.18 7.69 -13.29
C THR B 98 2.01 8.65 -13.26
N VAL B 99 2.16 9.77 -12.55
CA VAL B 99 1.17 10.85 -12.61
C VAL B 99 1.73 12.20 -13.05
N GLY B 100 0.91 12.97 -13.73
CA GLY B 100 1.17 14.40 -13.97
C GLY B 100 -0.05 15.16 -13.45
N LEU B 101 0.19 16.08 -12.52
CA LEU B 101 -0.89 16.74 -11.81
C LEU B 101 -0.79 18.26 -11.74
N ARG B 102 -1.95 18.93 -11.72
CA ARG B 102 -2.05 20.30 -11.23
C ARG B 102 -2.72 20.17 -9.85
N PHE B 103 -2.42 21.07 -8.94
CA PHE B 103 -2.99 21.02 -7.59
C PHE B 103 -3.37 22.40 -7.14
N ALA B 104 -4.32 22.45 -6.22
CA ALA B 104 -4.73 23.67 -5.55
C ALA B 104 -4.83 23.39 -4.04
N VAL B 105 -4.36 24.33 -3.22
CA VAL B 105 -4.59 24.27 -1.79
C VAL B 105 -5.36 25.53 -1.41
N LEU B 106 -6.52 25.35 -0.79
CA LEU B 106 -7.38 26.43 -0.34
C LEU B 106 -7.49 26.36 1.17
N ARG B 107 -7.41 27.52 1.83
CA ARG B 107 -7.50 27.59 3.27
C ARG B 107 -8.48 28.69 3.71
N GLY B 108 -9.44 28.30 4.54
CA GLY B 108 -10.38 29.26 5.11
C GLY B 108 -11.52 28.53 5.75
N ASN B 109 -12.50 29.29 6.24
CA ASN B 109 -13.65 28.70 6.92
C ASN B 109 -14.88 28.55 6.01
N PRO B 110 -15.27 27.29 5.69
CA PRO B 110 -16.40 27.11 4.80
C PRO B 110 -17.77 27.05 5.49
N TYR B 111 -17.82 27.22 6.82
CA TYR B 111 -19.06 27.06 7.57
C TYR B 111 -19.74 28.40 7.89
N GLU B 112 -21.02 28.32 8.26
CA GLU B 112 -21.78 29.50 8.68
C GLU B 112 -21.24 30.06 10.00
N SER B 113 -20.78 29.18 10.88
CA SER B 113 -20.28 29.59 12.18
C SER B 113 -18.81 29.94 12.11
N GLU B 114 -18.44 31.12 12.60
CA GLU B 114 -17.02 31.50 12.58
C GLU B 114 -16.22 30.70 13.62
N ALA B 115 -16.93 29.99 14.47
CA ALA B 115 -16.31 29.14 15.49
C ALA B 115 -15.66 27.87 14.90
N GLU B 116 -16.04 27.53 13.67
CA GLU B 116 -15.54 26.30 13.03
C GLU B 116 -14.09 26.42 12.65
N GLY B 117 -13.59 27.65 12.68
CA GLY B 117 -12.20 27.94 12.34
C GLY B 117 -11.85 27.69 10.89
N ASP B 118 -10.56 27.64 10.62
CA ASP B 118 -10.01 27.46 9.29
C ASP B 118 -10.00 25.96 8.96
N TRP B 119 -10.27 25.67 7.69
CA TRP B 119 -10.14 24.31 7.14
C TRP B 119 -9.29 24.39 5.90
N ILE B 120 -8.84 23.23 5.42
CA ILE B 120 -7.97 23.21 4.27
C ILE B 120 -8.45 22.14 3.27
N ALA B 121 -8.40 22.50 1.99
CA ALA B 121 -8.68 21.58 0.89
C ALA B 121 -7.49 21.46 -0.03
N VAL B 122 -7.13 20.20 -0.34
CA VAL B 122 -6.11 19.90 -1.30
C VAL B 122 -6.81 19.20 -2.48
N SER B 123 -6.66 19.76 -3.67
CA SER B 123 -7.31 19.18 -4.84
C SER B 123 -6.30 18.86 -5.89
N LEU B 124 -6.51 17.76 -6.59
CA LEU B 124 -5.54 17.26 -7.56
C LEU B 124 -6.26 16.84 -8.81
N TYR B 125 -5.71 17.23 -9.98
CA TYR B 125 -6.28 16.85 -11.26
C TYR B 125 -5.17 16.65 -12.27
N GLY B 126 -5.21 15.57 -13.01
CA GLY B 126 -4.25 15.37 -14.04
C GLY B 126 -4.47 14.04 -14.71
N THR B 127 -3.38 13.40 -15.04
CA THR B 127 -3.42 12.10 -15.65
C THR B 127 -2.53 11.07 -14.90
N ILE B 128 -2.94 9.81 -14.97
CA ILE B 128 -2.17 8.69 -14.40
C ILE B 128 -2.10 7.63 -15.51
N GLY B 129 -0.97 6.95 -15.62
CA GLY B 129 -0.85 5.97 -16.69
C GLY B 129 0.39 5.16 -16.64
N ALA B 130 0.56 4.30 -17.62
CA ALA B 130 1.83 3.63 -17.88
C ALA B 130 2.86 4.73 -18.20
N PRO B 131 4.14 4.47 -17.94
CA PRO B 131 5.17 5.45 -18.31
C PRO B 131 5.46 5.55 -19.81
N ILE B 132 4.42 5.68 -20.62
CA ILE B 132 4.58 5.91 -22.04
C ILE B 132 3.53 6.94 -22.37
N LYS B 133 3.96 8.09 -22.90
CA LYS B 133 3.05 9.18 -23.18
C LYS B 133 1.83 8.67 -23.95
N GLY B 134 0.65 9.06 -23.48
CA GLY B 134 -0.58 8.73 -24.17
C GLY B 134 -1.32 7.52 -23.61
N LEU B 135 -0.60 6.67 -22.90
CA LEU B 135 -1.14 5.46 -22.28
C LEU B 135 -1.58 5.86 -20.87
N GLU B 136 -2.61 6.68 -20.82
CA GLU B 136 -3.03 7.35 -19.58
C GLU B 136 -4.47 7.77 -19.64
N HIS B 137 -5.09 7.94 -18.47
CA HIS B 137 -6.39 8.59 -18.35
C HIS B 137 -6.36 9.60 -17.22
N GLU B 138 -7.45 10.33 -17.08
CA GLU B 138 -7.57 11.42 -16.09
C GLU B 138 -7.63 10.85 -14.68
N THR B 139 -7.23 11.66 -13.74
CA THR B 139 -7.33 11.27 -12.32
C THR B 139 -7.65 12.54 -11.50
N PHE B 140 -8.33 12.37 -10.36
CA PHE B 140 -8.73 13.47 -9.51
C PHE B 140 -8.70 13.02 -8.05
N GLY B 141 -8.47 13.97 -7.17
CA GLY B 141 -8.68 13.71 -5.75
C GLY B 141 -8.84 14.99 -4.97
N VAL B 142 -9.65 14.92 -3.94
CA VAL B 142 -9.83 16.03 -3.01
C VAL B 142 -9.79 15.54 -1.57
N GLY B 143 -9.01 16.24 -0.74
CA GLY B 143 -8.91 15.89 0.68
C GLY B 143 -9.23 17.16 1.44
N ILE B 144 -9.96 17.02 2.54
CA ILE B 144 -10.38 18.22 3.32
C ILE B 144 -10.09 17.98 4.80
N ASN B 145 -9.48 18.94 5.49
CA ASN B 145 -9.17 18.74 6.88
C ASN B 145 -9.35 20.04 7.70
N HIS B 146 -9.52 19.94 9.01
CA HIS B 146 -9.55 21.16 9.87
C HIS B 146 -8.11 21.59 10.13
N ILE B 147 -7.88 22.88 10.38
CA ILE B 147 -6.51 23.45 10.49
C ILE B 147 -6.51 24.63 11.46
N THR C 1 -9.80 -19.39 27.09
CA THR C 1 -9.74 -18.20 27.99
C THR C 1 -8.32 -17.71 28.23
N LEU C 2 -8.12 -16.41 28.01
CA LEU C 2 -6.90 -15.70 28.40
C LEU C 2 -6.72 -15.73 29.92
N HIS C 3 -5.53 -16.12 30.35
CA HIS C 3 -5.16 -16.12 31.77
C HIS C 3 -4.85 -14.71 32.24
N LYS C 4 -5.55 -14.26 33.29
CA LYS C 4 -5.47 -12.88 33.78
C LYS C 4 -4.03 -12.38 33.95
N GLU C 5 -3.17 -13.26 34.45
CA GLU C 5 -1.80 -12.88 34.81
C GLU C 5 -0.82 -13.14 33.69
N ARG C 6 -1.32 -13.52 32.50
CA ARG C 6 -0.44 -13.90 31.37
C ARG C 6 -0.83 -13.21 30.08
N ARG C 7 -1.38 -12.00 30.18
CA ARG C 7 -1.84 -11.26 29.01
C ARG C 7 -0.65 -10.73 28.22
N ILE C 8 -0.21 -11.55 27.26
CA ILE C 8 1.00 -11.29 26.47
C ILE C 8 1.05 -9.91 25.77
N GLY C 9 -0.11 -9.44 25.31
CA GLY C 9 -0.18 -8.13 24.65
C GLY C 9 0.06 -7.00 25.63
N ARG C 10 -0.69 -7.01 26.73
CA ARG C 10 -0.56 -6.00 27.78
C ARG C 10 0.84 -5.99 28.41
N LEU C 11 1.36 -7.18 28.68
CA LEU C 11 2.73 -7.32 29.20
C LEU C 11 3.81 -6.76 28.26
N SER C 12 3.68 -7.03 26.96
CA SER C 12 4.67 -6.54 25.98
C SER C 12 4.67 -5.01 25.91
N VAL C 13 3.49 -4.41 26.04
CA VAL C 13 3.32 -2.96 25.97
C VAL C 13 3.87 -2.27 27.23
N LEU C 14 3.54 -2.83 28.39
CA LEU C 14 4.06 -2.34 29.67
C LEU C 14 5.59 -2.34 29.66
N LEU C 15 6.18 -3.41 29.13
CA LEU C 15 7.65 -3.52 29.00
C LEU C 15 8.17 -2.39 28.13
N LEU C 16 7.51 -2.18 26.99
CA LEU C 16 7.93 -1.12 26.09
C LEU C 16 7.81 0.27 26.72
N LEU C 17 6.78 0.50 27.53
CA LEU C 17 6.46 1.86 27.97
C LEU C 17 7.14 2.30 29.25
N ASN C 18 7.78 1.36 29.94
CA ASN C 18 8.56 1.68 31.13
C ASN C 18 10.04 1.87 30.78
N GLU C 19 10.52 3.11 30.89
CA GLU C 19 11.94 3.40 30.70
C GLU C 19 12.63 3.57 32.05
N ALA C 20 11.92 3.21 33.11
CA ALA C 20 12.46 3.16 34.44
C ALA C 20 12.97 1.76 34.73
N GLU C 21 12.08 0.77 34.59
CA GLU C 21 12.30 -0.57 35.14
C GLU C 21 12.53 -1.67 34.10
N GLU C 22 13.50 -1.47 33.19
CA GLU C 22 13.77 -2.42 32.10
C GLU C 22 14.51 -3.69 32.54
N SER C 23 15.68 -3.49 33.15
CA SER C 23 16.63 -4.56 33.47
C SER C 23 15.99 -5.77 34.17
N THR C 24 15.22 -5.49 35.22
CA THR C 24 14.63 -6.57 36.01
C THR C 24 13.19 -6.95 35.60
N GLN C 25 12.55 -6.14 34.76
CA GLN C 25 11.27 -6.54 34.19
C GLN C 25 11.46 -7.72 33.22
N VAL C 26 12.52 -7.67 32.42
CA VAL C 26 12.96 -8.77 31.55
C VAL C 26 13.30 -10.01 32.36
N GLU C 27 14.06 -9.82 33.45
CA GLU C 27 14.39 -10.89 34.40
C GLU C 27 13.17 -11.61 34.94
N GLU C 28 12.21 -10.84 35.45
CA GLU C 28 10.92 -11.34 35.96
C GLU C 28 10.09 -12.07 34.92
N LEU C 29 10.00 -11.51 33.70
CA LEU C 29 9.27 -12.18 32.63
C LEU C 29 9.91 -13.54 32.28
N GLU C 30 11.21 -13.56 32.11
CA GLU C 30 11.94 -14.77 31.82
C GLU C 30 11.83 -15.79 32.96
N ARG C 31 11.79 -15.29 34.19
CA ARG C 31 11.55 -16.13 35.36
C ARG C 31 10.23 -16.85 35.27
N ASP C 32 9.20 -16.14 34.79
CA ASP C 32 7.84 -16.70 34.65
C ASP C 32 7.64 -17.58 33.40
N GLY C 33 8.72 -17.83 32.66
CA GLY C 33 8.69 -18.72 31.49
C GLY C 33 8.63 -18.07 30.11
N TRP C 34 8.51 -16.74 30.08
CA TRP C 34 8.45 -15.96 28.83
C TRP C 34 9.81 -15.84 28.13
N LYS C 35 9.80 -15.92 26.80
CA LYS C 35 10.94 -15.52 25.99
C LYS C 35 10.76 -14.06 25.54
N VAL C 36 11.80 -13.24 25.73
CA VAL C 36 11.69 -11.78 25.65
C VAL C 36 12.84 -11.18 24.88
N CYS C 37 12.52 -10.14 24.10
CA CYS C 37 13.47 -9.46 23.27
C CYS C 37 13.10 -7.97 23.21
N LEU C 38 14.07 -7.08 23.41
CA LEU C 38 13.81 -5.64 23.30
C LEU C 38 14.75 -5.05 22.29
N GLY C 39 14.33 -3.99 21.61
CA GLY C 39 15.14 -3.38 20.57
C GLY C 39 14.70 -1.99 20.20
N LYS C 40 15.43 -1.42 19.25
CA LYS C 40 15.11 -0.11 18.75
C LYS C 40 15.54 -0.01 17.29
N VAL C 41 14.72 0.65 16.49
CA VAL C 41 15.02 0.80 15.09
C VAL C 41 14.32 2.06 14.60
N GLY C 42 14.97 2.74 13.68
CA GLY C 42 14.48 3.97 13.09
C GLY C 42 14.77 3.90 11.61
N SER C 43 13.80 4.27 10.78
CA SER C 43 13.97 4.16 9.35
C SER C 43 12.88 4.83 8.52
N MET C 44 13.19 5.08 7.24
CA MET C 44 12.19 5.47 6.27
C MET C 44 11.84 4.28 5.39
N ASP C 45 12.38 3.11 5.74
CA ASP C 45 12.09 1.85 5.01
C ASP C 45 11.49 0.83 5.95
N ALA C 46 10.25 0.41 5.65
CA ALA C 46 9.60 -0.61 6.47
C ALA C 46 10.40 -1.89 6.57
N HIS C 47 11.05 -2.27 5.47
CA HIS C 47 11.79 -3.52 5.45
C HIS C 47 12.90 -3.53 6.52
N LYS C 48 13.45 -2.36 6.85
CA LYS C 48 14.50 -2.25 7.89
C LYS C 48 13.91 -2.44 9.29
N VAL C 49 12.68 -1.96 9.49
CA VAL C 49 12.00 -2.23 10.74
C VAL C 49 11.72 -3.74 10.90
N ILE C 50 11.16 -4.36 9.85
CA ILE C 50 10.87 -5.78 9.88
C ILE C 50 12.16 -6.56 10.19
N ALA C 51 13.22 -6.22 9.46
CA ALA C 51 14.49 -6.94 9.64
C ALA C 51 15.08 -6.83 11.04
N ALA C 52 14.99 -5.65 11.66
CA ALA C 52 15.54 -5.44 12.99
C ALA C 52 14.85 -6.32 14.01
N ILE C 53 13.52 -6.43 13.87
CA ILE C 53 12.73 -7.22 14.77
C ILE C 53 13.00 -8.72 14.60
N GLU C 54 13.14 -9.17 13.36
CA GLU C 54 13.42 -10.57 13.10
C GLU C 54 14.82 -10.90 13.63
N THR C 55 15.78 -10.06 13.30
CA THR C 55 17.19 -10.28 13.66
C THR C 55 17.36 -10.29 15.17
N ALA C 56 16.77 -9.31 15.87
CA ALA C 56 16.76 -9.31 17.33
C ALA C 56 16.10 -10.56 17.90
N SER C 57 14.95 -10.95 17.33
CA SER C 57 14.21 -12.10 17.85
C SER C 57 15.01 -13.39 17.73
N LYS C 58 15.68 -13.59 16.58
CA LYS C 58 16.45 -14.82 16.33
C LYS C 58 17.73 -14.83 17.17
N LYS C 59 18.39 -13.67 17.29
CA LYS C 59 19.64 -13.56 18.05
C LYS C 59 19.45 -13.76 19.53
N SER C 60 18.34 -13.26 20.07
CA SER C 60 18.02 -13.41 21.49
C SER C 60 17.29 -14.73 21.79
N GLY C 61 17.10 -15.57 20.78
CA GLY C 61 16.42 -16.86 20.95
C GLY C 61 14.92 -16.82 21.23
N VAL C 62 14.26 -15.71 20.92
CA VAL C 62 12.81 -15.67 21.03
C VAL C 62 12.12 -16.55 19.98
N ILE C 63 12.67 -16.64 18.78
CA ILE C 63 12.17 -17.63 17.82
C ILE C 63 13.35 -18.42 17.27
N GLN C 64 13.04 -19.61 16.76
CA GLN C 64 14.03 -20.51 16.11
C GLN C 64 14.70 -19.84 14.95
N SER C 65 16.03 -19.91 14.92
CA SER C 65 16.75 -19.44 13.77
C SER C 65 16.59 -20.39 12.57
N GLU C 66 16.31 -21.67 12.83
CA GLU C 66 16.11 -22.66 11.78
C GLU C 66 14.67 -22.78 11.31
N GLY C 67 14.49 -23.07 10.03
CA GLY C 67 13.17 -23.40 9.50
C GLY C 67 12.35 -22.15 9.21
N TYR C 68 11.15 -22.37 8.70
CA TYR C 68 10.26 -21.27 8.30
C TYR C 68 9.14 -21.04 9.32
N ARG C 69 8.54 -22.11 9.83
CA ARG C 69 7.37 -22.01 10.73
C ARG C 69 7.36 -20.77 11.69
N GLU C 70 8.42 -20.58 12.46
CA GLU C 70 8.42 -19.52 13.47
C GLU C 70 8.70 -18.15 12.87
N SER C 71 9.52 -18.13 11.84
CA SER C 71 9.74 -16.93 11.06
C SER C 71 8.43 -16.48 10.43
N HIS C 72 7.64 -17.42 9.92
CA HIS C 72 6.35 -17.09 9.31
C HIS C 72 5.44 -16.44 10.36
N ALA C 73 5.36 -17.05 11.53
CA ALA C 73 4.51 -16.51 12.59
C ALA C 73 4.93 -15.10 12.99
N LEU C 74 6.24 -14.87 13.13
CA LEU C 74 6.73 -13.59 13.55
C LEU C 74 6.54 -12.53 12.44
N TYR C 75 6.68 -12.94 11.18
CA TYR C 75 6.49 -11.97 10.08
C TYR C 75 5.04 -11.44 10.13
N HIS C 76 4.10 -12.34 10.27
CA HIS C 76 2.67 -11.93 10.24
C HIS C 76 2.33 -11.14 11.49
N ALA C 77 2.92 -11.52 12.64
CA ALA C 77 2.78 -10.65 13.84
C ALA C 77 3.34 -9.22 13.64
N THR C 78 4.51 -9.13 12.99
CA THR C 78 5.10 -7.85 12.73
C THR C 78 4.21 -7.03 11.77
N MET C 79 3.67 -7.69 10.74
CA MET C 79 2.77 -7.01 9.77
C MET C 79 1.59 -6.43 10.55
N GLU C 80 1.03 -7.22 11.45
CA GLU C 80 -0.13 -6.74 12.22
C GLU C 80 0.25 -5.52 13.10
N ALA C 81 1.42 -5.58 13.76
CA ALA C 81 1.86 -4.41 14.54
C ALA C 81 2.05 -3.20 13.66
N LEU C 82 2.56 -3.42 12.44
CA LEU C 82 2.82 -2.31 11.56
C LEU C 82 1.51 -1.62 11.12
N HIS C 83 0.38 -2.33 11.17
CA HIS C 83 -0.86 -1.66 10.78
C HIS C 83 -1.19 -0.50 11.73
N GLY C 84 -0.90 -0.70 13.02
CA GLY C 84 -1.21 0.29 14.01
C GLY C 84 -0.31 1.49 13.85
N VAL C 85 0.92 1.20 13.42
CA VAL C 85 1.92 2.22 13.19
C VAL C 85 1.61 3.06 11.95
N THR C 86 1.21 2.41 10.85
CA THR C 86 1.07 3.07 9.54
C THR C 86 -0.37 3.52 9.21
N ARG C 87 -1.33 2.87 9.84
CA ARG C 87 -2.74 3.35 9.77
C ARG C 87 -3.28 3.55 8.33
N GLY C 88 -3.09 2.52 7.51
CA GLY C 88 -3.81 2.43 6.24
C GLY C 88 -2.95 2.20 5.03
N GLU C 89 -1.72 2.72 5.06
CA GLU C 89 -0.80 2.43 3.98
C GLU C 89 0.53 2.05 4.61
N MET C 90 1.04 0.84 4.32
CA MET C 90 2.18 0.29 5.05
C MET C 90 3.42 0.80 4.34
N LEU C 91 3.51 2.12 4.33
CA LEU C 91 4.56 2.84 3.62
C LEU C 91 5.12 3.96 4.49
N LEU C 92 6.45 4.17 4.40
CA LEU C 92 7.10 5.21 5.18
C LEU C 92 7.70 6.26 4.24
N GLY C 93 8.97 6.07 3.83
CA GLY C 93 9.63 7.00 2.96
C GLY C 93 8.90 7.34 1.68
N SER C 94 8.26 6.37 1.03
CA SER C 94 7.48 6.73 -0.16
C SER C 94 6.30 7.69 0.06
N LEU C 95 5.85 7.80 1.31
CA LEU C 95 4.84 8.79 1.64
C LEU C 95 5.44 9.92 2.46
N LEU C 96 6.76 10.16 2.27
CA LEU C 96 7.44 11.29 2.94
C LEU C 96 7.28 11.25 4.48
N ARG C 97 7.39 10.05 5.04
CA ARG C 97 7.46 9.94 6.48
C ARG C 97 8.51 8.95 7.00
N THR C 98 8.90 9.15 8.25
CA THR C 98 9.95 8.35 8.87
C THR C 98 9.44 7.91 10.23
N VAL C 99 9.96 6.79 10.76
CA VAL C 99 9.65 6.37 12.12
C VAL C 99 10.90 6.11 12.93
N GLY C 100 10.78 6.35 14.23
CA GLY C 100 11.79 5.94 15.23
C GLY C 100 11.03 5.15 16.26
N LEU C 101 11.42 3.89 16.45
CA LEU C 101 10.69 2.95 17.26
C LEU C 101 11.52 2.21 18.30
N ARG C 102 10.88 1.93 19.44
CA ARG C 102 11.27 0.86 20.36
C ARG C 102 10.34 -0.33 20.11
N PHE C 103 10.85 -1.54 20.24
CA PHE C 103 10.00 -2.71 20.04
C PHE C 103 10.30 -3.74 21.09
N ALA C 104 9.29 -4.59 21.30
CA ALA C 104 9.37 -5.71 22.21
C ALA C 104 8.77 -6.94 21.52
N VAL C 105 9.41 -8.11 21.65
CA VAL C 105 8.78 -9.35 21.18
C VAL C 105 8.68 -10.27 22.40
N LEU C 106 7.47 -10.74 22.68
CA LEU C 106 7.21 -11.66 23.81
C LEU C 106 6.68 -12.96 23.27
N ARG C 107 7.16 -14.08 23.81
CA ARG C 107 6.73 -15.38 23.38
C ARG C 107 6.38 -16.27 24.57
N GLY C 108 5.15 -16.79 24.56
CA GLY C 108 4.71 -17.74 25.56
C GLY C 108 3.23 -17.99 25.42
N ASN C 109 2.67 -18.73 26.37
CA ASN C 109 1.26 -19.10 26.32
C ASN C 109 0.39 -18.22 27.23
N PRO C 110 -0.45 -17.33 26.63
CA PRO C 110 -1.25 -16.44 27.46
C PRO C 110 -2.58 -17.03 27.94
N TYR C 111 -2.89 -18.29 27.59
CA TYR C 111 -4.19 -18.91 27.88
C TYR C 111 -4.16 -19.77 29.14
N GLU C 112 -5.35 -20.05 29.66
CA GLU C 112 -5.50 -20.95 30.80
C GLU C 112 -5.03 -22.35 30.45
N SER C 113 -5.28 -22.77 29.21
CA SER C 113 -5.02 -24.13 28.76
C SER C 113 -3.66 -24.22 28.12
N GLU C 114 -2.86 -25.18 28.61
CA GLU C 114 -1.53 -25.49 28.06
C GLU C 114 -1.61 -25.91 26.60
N ALA C 115 -2.78 -26.40 26.19
CA ALA C 115 -2.99 -26.93 24.84
C ALA C 115 -3.00 -25.82 23.78
N GLU C 116 -3.04 -24.57 24.23
CA GLU C 116 -3.07 -23.41 23.31
C GLU C 116 -1.69 -23.13 22.76
N GLY C 117 -0.68 -23.77 23.36
CA GLY C 117 0.71 -23.61 22.93
C GLY C 117 1.24 -22.20 23.08
N ASP C 118 2.34 -21.93 22.38
CA ASP C 118 2.99 -20.65 22.44
C ASP C 118 2.35 -19.68 21.45
N TRP C 119 2.32 -18.41 21.84
CA TRP C 119 1.88 -17.30 21.00
C TRP C 119 2.95 -16.23 21.05
N ILE C 120 2.90 -15.28 20.12
CA ILE C 120 3.93 -14.26 20.05
C ILE C 120 3.25 -12.90 19.88
N ALA C 121 3.78 -11.92 20.60
CA ALA C 121 3.33 -10.53 20.50
C ALA C 121 4.51 -9.66 20.10
N VAL C 122 4.28 -8.81 19.07
CA VAL C 122 5.21 -7.81 18.65
C VAL C 122 4.58 -6.46 18.97
N SER C 123 5.30 -5.63 19.72
CA SER C 123 4.79 -4.33 20.14
C SER C 123 5.75 -3.25 19.74
N LEU C 124 5.20 -2.16 19.21
CA LEU C 124 5.99 -1.04 18.70
C LEU C 124 5.50 0.27 19.27
N TYR C 125 6.46 1.12 19.67
CA TYR C 125 6.13 2.45 20.20
C TYR C 125 7.23 3.45 19.80
N GLY C 126 6.82 4.59 19.28
CA GLY C 126 7.78 5.66 19.01
C GLY C 126 7.10 6.84 18.41
N THR C 127 7.75 7.40 17.41
CA THR C 127 7.23 8.56 16.69
C THR C 127 7.27 8.35 15.17
N ILE C 128 6.32 8.97 14.47
CA ILE C 128 6.25 8.95 13.00
C ILE C 128 6.07 10.40 12.61
N GLY C 129 6.69 10.83 11.52
CA GLY C 129 6.62 12.23 11.19
C GLY C 129 7.21 12.55 9.86
N ALA C 130 7.20 13.82 9.51
CA ALA C 130 7.96 14.33 8.35
C ALA C 130 9.45 14.10 8.68
N PRO C 131 10.32 14.00 7.67
CA PRO C 131 11.75 13.87 7.97
C PRO C 131 12.43 15.14 8.48
N ILE C 132 11.82 15.80 9.45
CA ILE C 132 12.41 16.96 10.06
C ILE C 132 12.17 16.77 11.54
N LYS C 133 13.26 16.72 12.32
CA LYS C 133 13.11 16.50 13.72
C LYS C 133 12.06 17.40 14.31
N GLY C 134 11.14 16.80 15.07
CA GLY C 134 10.13 17.54 15.79
C GLY C 134 8.77 17.62 15.12
N LEU C 135 8.77 17.44 13.80
CA LEU C 135 7.55 17.42 13.00
C LEU C 135 7.03 16.01 13.05
N GLU C 136 6.56 15.61 14.22
CA GLU C 136 6.23 14.19 14.48
C GLU C 136 5.24 14.06 15.61
N HIS C 137 4.54 12.93 15.63
CA HIS C 137 3.75 12.52 16.79
C HIS C 137 3.97 11.05 17.11
N GLU C 138 3.40 10.61 18.23
CA GLU C 138 3.60 9.23 18.70
C GLU C 138 2.89 8.24 17.81
N THR C 139 3.38 7.02 17.85
CA THR C 139 2.76 5.94 17.09
C THR C 139 2.90 4.63 17.89
N PHE C 140 1.97 3.69 17.71
CA PHE C 140 1.93 2.44 18.45
C PHE C 140 1.39 1.33 17.54
N GLY C 141 1.82 0.11 17.80
CA GLY C 141 1.24 -1.04 17.11
C GLY C 141 1.49 -2.30 17.91
N VAL C 142 0.50 -3.17 17.92
CA VAL C 142 0.66 -4.50 18.50
C VAL C 142 0.08 -5.57 17.59
N GLY C 143 0.87 -6.61 17.33
CA GLY C 143 0.40 -7.75 16.55
C GLY C 143 0.55 -9.01 17.38
N ILE C 144 -0.43 -9.90 17.28
CA ILE C 144 -0.39 -11.15 18.07
C ILE C 144 -0.63 -12.33 17.15
N ASN C 145 0.18 -13.38 17.27
CA ASN C 145 -0.02 -14.56 16.45
C ASN C 145 0.27 -15.86 17.20
N HIS C 146 -0.26 -16.98 16.73
CA HIS C 146 0.10 -18.33 17.32
C HIS C 146 1.45 -18.74 16.72
N ILE C 147 2.25 -19.49 17.48
CA ILE C 147 3.59 -19.90 17.04
C ILE C 147 3.92 -21.33 17.45
N THR D 1 -24.80 -15.24 -19.13
CA THR D 1 -24.44 -16.55 -18.48
C THR D 1 -23.06 -17.01 -18.92
N LEU D 2 -22.25 -17.46 -17.96
CA LEU D 2 -20.97 -18.09 -18.26
C LEU D 2 -21.17 -19.44 -18.97
N HIS D 3 -20.52 -19.59 -20.11
CA HIS D 3 -20.56 -20.86 -20.86
C HIS D 3 -19.70 -21.93 -20.16
N LYS D 4 -20.31 -23.06 -19.80
CA LYS D 4 -19.64 -24.05 -18.95
C LYS D 4 -18.29 -24.56 -19.49
N GLU D 5 -18.16 -24.60 -20.82
CA GLU D 5 -16.95 -25.10 -21.46
C GLU D 5 -15.95 -23.99 -21.77
N ARG D 6 -16.23 -22.78 -21.29
CA ARG D 6 -15.45 -21.58 -21.66
C ARG D 6 -15.06 -20.74 -20.47
N ARG D 7 -14.96 -21.36 -19.29
CA ARG D 7 -14.65 -20.67 -18.06
C ARG D 7 -13.20 -20.22 -18.06
N ILE D 8 -13.00 -19.00 -18.54
CA ILE D 8 -11.67 -18.41 -18.74
C ILE D 8 -10.76 -18.45 -17.51
N GLY D 9 -11.33 -18.22 -16.33
CA GLY D 9 -10.55 -18.21 -15.09
C GLY D 9 -10.06 -19.61 -14.76
N ARG D 10 -10.99 -20.55 -14.73
CA ARG D 10 -10.64 -21.94 -14.47
C ARG D 10 -9.65 -22.50 -15.49
N LEU D 11 -9.88 -22.19 -16.75
CA LEU D 11 -8.97 -22.65 -17.81
C LEU D 11 -7.54 -22.09 -17.68
N SER D 12 -7.41 -20.80 -17.33
CA SER D 12 -6.09 -20.18 -17.17
C SER D 12 -5.33 -20.78 -16.00
N VAL D 13 -6.07 -21.16 -14.95
CA VAL D 13 -5.48 -21.77 -13.77
C VAL D 13 -5.01 -23.21 -14.03
N LEU D 14 -5.86 -24.01 -14.68
CA LEU D 14 -5.50 -25.36 -15.05
C LEU D 14 -4.24 -25.35 -15.92
N LEU D 15 -4.16 -24.39 -16.84
CA LEU D 15 -2.99 -24.22 -17.71
C LEU D 15 -1.78 -23.92 -16.85
N LEU D 16 -1.97 -23.06 -15.86
CA LEU D 16 -0.89 -22.67 -14.97
C LEU D 16 -0.36 -23.83 -14.14
N LEU D 17 -1.26 -24.69 -13.65
CA LEU D 17 -0.88 -25.70 -12.66
C LEU D 17 -0.51 -27.08 -13.24
N ASN D 18 -0.63 -27.23 -14.56
CA ASN D 18 -0.25 -28.47 -15.24
C ASN D 18 1.23 -28.46 -15.66
N GLU D 19 1.90 -29.59 -15.47
CA GLU D 19 3.35 -29.68 -15.67
C GLU D 19 3.76 -30.83 -16.59
N ALA D 20 3.10 -30.92 -17.75
CA ALA D 20 3.39 -31.95 -18.74
C ALA D 20 4.45 -31.48 -19.74
N GLU D 21 5.36 -32.39 -20.12
CA GLU D 21 6.44 -32.08 -21.05
C GLU D 21 5.89 -31.92 -22.48
N GLU D 22 5.33 -33.00 -23.01
CA GLU D 22 4.58 -32.92 -24.25
C GLU D 22 3.11 -32.62 -23.87
N SER D 23 2.78 -31.33 -23.79
CA SER D 23 1.46 -30.90 -23.29
C SER D 23 0.50 -30.40 -24.37
N THR D 24 0.89 -29.33 -25.07
CA THR D 24 0.05 -28.75 -26.13
C THR D 24 -1.36 -28.31 -25.68
N GLN D 25 -1.50 -27.98 -24.40
CA GLN D 25 -2.73 -27.40 -23.86
C GLN D 25 -2.96 -26.03 -24.52
N VAL D 26 -1.86 -25.35 -24.81
CA VAL D 26 -1.87 -24.09 -25.53
C VAL D 26 -2.43 -24.27 -26.93
N GLU D 27 -2.00 -25.34 -27.62
CA GLU D 27 -2.52 -25.67 -28.95
C GLU D 27 -4.03 -25.86 -29.02
N GLU D 28 -4.58 -26.65 -28.09
CA GLU D 28 -6.02 -26.87 -27.95
C GLU D 28 -6.79 -25.58 -27.65
N LEU D 29 -6.25 -24.78 -26.72
CA LEU D 29 -6.88 -23.49 -26.38
C LEU D 29 -6.94 -22.57 -27.62
N GLU D 30 -5.82 -22.45 -28.32
CA GLU D 30 -5.74 -21.64 -29.52
C GLU D 30 -6.64 -22.22 -30.61
N ARG D 31 -6.76 -23.55 -30.60
CA ARG D 31 -7.65 -24.25 -31.51
C ARG D 31 -9.12 -24.08 -31.10
N ASP D 32 -9.40 -23.61 -29.89
CA ASP D 32 -10.79 -23.26 -29.54
C ASP D 32 -11.04 -21.75 -29.63
N GLY D 33 -10.08 -21.04 -30.20
CA GLY D 33 -10.16 -19.60 -30.49
C GLY D 33 -9.56 -18.66 -29.42
N TRP D 34 -8.96 -19.24 -28.38
CA TRP D 34 -8.35 -18.44 -27.29
C TRP D 34 -7.03 -17.87 -27.71
N LYS D 35 -6.71 -16.68 -27.18
CA LYS D 35 -5.39 -16.11 -27.29
C LYS D 35 -4.70 -16.33 -25.93
N VAL D 36 -3.48 -16.86 -25.96
CA VAL D 36 -2.84 -17.46 -24.79
C VAL D 36 -1.40 -17.08 -24.71
N CYS D 37 -0.94 -16.91 -23.47
CA CYS D 37 0.38 -16.47 -23.21
C CYS D 37 0.81 -17.07 -21.86
N LEU D 38 2.00 -17.68 -21.81
CA LEU D 38 2.57 -18.18 -20.55
C LEU D 38 3.92 -17.55 -20.30
N GLY D 39 4.27 -17.35 -19.03
CA GLY D 39 5.57 -16.79 -18.66
C GLY D 39 5.98 -17.13 -17.24
N LYS D 40 7.13 -16.58 -16.87
CA LYS D 40 7.72 -16.72 -15.55
C LYS D 40 8.38 -15.39 -15.19
N VAL D 41 8.26 -15.00 -13.93
CA VAL D 41 8.90 -13.81 -13.43
C VAL D 41 9.09 -13.97 -11.92
N GLY D 42 10.24 -13.50 -11.44
CA GLY D 42 10.57 -13.51 -10.02
C GLY D 42 11.16 -12.16 -9.70
N SER D 43 10.74 -11.57 -8.57
CA SER D 43 11.18 -10.24 -8.24
C SER D 43 10.85 -9.80 -6.83
N MET D 44 11.54 -8.75 -6.38
CA MET D 44 11.20 -8.03 -5.16
C MET D 44 10.53 -6.71 -5.49
N ASP D 45 10.32 -6.48 -6.79
CA ASP D 45 9.65 -5.29 -7.30
C ASP D 45 8.37 -5.66 -8.06
N ALA D 46 7.22 -5.25 -7.52
CA ALA D 46 5.93 -5.45 -8.23
C ALA D 46 5.98 -4.97 -9.69
N HIS D 47 6.60 -3.83 -9.92
CA HIS D 47 6.62 -3.27 -11.26
C HIS D 47 7.23 -4.23 -12.28
N LYS D 48 8.18 -5.07 -11.83
CA LYS D 48 8.81 -6.06 -12.72
C LYS D 48 7.87 -7.19 -13.08
N VAL D 49 7.04 -7.57 -12.11
CA VAL D 49 5.99 -8.56 -12.38
C VAL D 49 4.99 -7.99 -13.41
N ILE D 50 4.51 -6.77 -13.18
CA ILE D 50 3.54 -6.15 -14.07
C ILE D 50 4.14 -6.08 -15.48
N ALA D 51 5.37 -5.59 -15.56
CA ALA D 51 6.04 -5.42 -16.86
C ALA D 51 6.20 -6.75 -17.64
N ALA D 52 6.52 -7.84 -16.94
CA ALA D 52 6.75 -9.13 -17.61
C ALA D 52 5.46 -9.61 -18.24
N ILE D 53 4.36 -9.46 -17.48
CA ILE D 53 3.09 -9.88 -17.96
C ILE D 53 2.61 -9.05 -19.15
N GLU D 54 2.83 -7.74 -19.10
CA GLU D 54 2.46 -6.88 -20.20
C GLU D 54 3.31 -7.22 -21.44
N THR D 55 4.61 -7.31 -21.23
CA THR D 55 5.56 -7.50 -22.36
C THR D 55 5.31 -8.85 -23.02
N ALA D 56 5.20 -9.92 -22.21
CA ALA D 56 4.79 -11.22 -22.71
C ALA D 56 3.46 -11.16 -23.49
N SER D 57 2.44 -10.48 -22.95
CA SER D 57 1.12 -10.46 -23.59
C SER D 57 1.15 -9.73 -24.92
N LYS D 58 1.91 -8.65 -25.00
CA LYS D 58 1.96 -7.85 -26.23
C LYS D 58 2.76 -8.62 -27.32
N LYS D 59 3.85 -9.25 -26.91
CA LYS D 59 4.71 -10.00 -27.82
C LYS D 59 4.07 -11.27 -28.41
N SER D 60 3.30 -11.98 -27.61
CA SER D 60 2.60 -13.17 -28.03
C SER D 60 1.26 -12.84 -28.71
N GLY D 61 0.96 -11.55 -28.85
CA GLY D 61 -0.29 -11.12 -29.48
C GLY D 61 -1.58 -11.35 -28.70
N VAL D 62 -1.48 -11.52 -27.39
CA VAL D 62 -2.68 -11.65 -26.57
C VAL D 62 -3.40 -10.29 -26.42
N ILE D 63 -2.65 -9.20 -26.33
CA ILE D 63 -3.27 -7.88 -26.44
C ILE D 63 -2.56 -7.06 -27.52
N GLN D 64 -3.30 -6.09 -28.06
CA GLN D 64 -2.75 -5.10 -29.01
C GLN D 64 -1.55 -4.38 -28.45
N SER D 65 -0.51 -4.27 -29.29
CA SER D 65 0.62 -3.44 -28.94
C SER D 65 0.31 -1.92 -29.07
N GLU D 66 -0.60 -1.53 -29.97
CA GLU D 66 -0.96 -0.14 -30.15
C GLU D 66 -2.11 0.28 -29.27
N GLY D 67 -2.10 1.54 -28.84
CA GLY D 67 -3.26 2.12 -28.20
C GLY D 67 -3.27 1.81 -26.72
N TYR D 68 -4.24 2.38 -26.02
CA TYR D 68 -4.32 2.27 -24.55
C TYR D 68 -5.39 1.25 -24.12
N ARG D 69 -6.54 1.26 -24.77
CA ARG D 69 -7.67 0.41 -24.35
C ARG D 69 -7.29 -0.99 -23.80
N GLU D 70 -6.53 -1.77 -24.56
CA GLU D 70 -6.23 -3.14 -24.16
C GLU D 70 -5.17 -3.23 -23.07
N SER D 71 -4.20 -2.32 -23.12
CA SER D 71 -3.22 -2.15 -22.07
C SER D 71 -3.94 -1.79 -20.74
N HIS D 72 -4.94 -0.93 -20.84
CA HIS D 72 -5.71 -0.54 -19.63
C HIS D 72 -6.41 -1.76 -19.06
N ALA D 73 -7.06 -2.53 -19.92
CA ALA D 73 -7.77 -3.71 -19.42
C ALA D 73 -6.83 -4.71 -18.77
N LEU D 74 -5.65 -4.92 -19.38
CA LEU D 74 -4.71 -5.87 -18.85
C LEU D 74 -4.08 -5.37 -17.55
N TYR D 75 -3.85 -4.07 -17.45
CA TYR D 75 -3.23 -3.52 -16.23
C TYR D 75 -4.16 -3.83 -15.03
N HIS D 76 -5.42 -3.54 -15.22
CA HIS D 76 -6.37 -3.71 -14.11
C HIS D 76 -6.62 -5.16 -13.82
N ALA D 77 -6.60 -6.02 -14.85
CA ALA D 77 -6.62 -7.47 -14.56
C ALA D 77 -5.39 -7.94 -13.76
N THR D 78 -4.20 -7.42 -14.13
CA THR D 78 -2.99 -7.72 -13.42
C THR D 78 -3.03 -7.27 -11.93
N MET D 79 -3.53 -6.06 -11.71
CA MET D 79 -3.72 -5.50 -10.34
C MET D 79 -4.61 -6.44 -9.52
N GLU D 80 -5.73 -6.85 -10.11
CA GLU D 80 -6.63 -7.78 -9.42
C GLU D 80 -5.94 -9.13 -9.09
N ALA D 81 -5.21 -9.72 -10.04
CA ALA D 81 -4.45 -10.91 -9.71
C ALA D 81 -3.42 -10.67 -8.61
N LEU D 82 -2.79 -9.47 -8.59
CA LEU D 82 -1.79 -9.22 -7.57
C LEU D 82 -2.41 -9.13 -6.18
N HIS D 83 -3.70 -8.80 -6.08
CA HIS D 83 -4.33 -8.80 -4.77
C HIS D 83 -4.26 -10.15 -4.08
N GLY D 84 -4.45 -11.22 -4.86
CA GLY D 84 -4.48 -12.57 -4.30
C GLY D 84 -3.10 -12.98 -3.87
N VAL D 85 -2.12 -12.48 -4.61
CA VAL D 85 -0.73 -12.76 -4.34
C VAL D 85 -0.22 -12.03 -3.10
N THR D 86 -0.60 -10.75 -2.95
CA THR D 86 -0.06 -9.87 -1.89
C THR D 86 -0.93 -9.76 -0.62
N ARG D 87 -2.23 -9.99 -0.79
CA ARG D 87 -3.13 -10.16 0.37
C ARG D 87 -3.08 -9.00 1.39
N GLY D 88 -3.20 -7.77 0.88
CA GLY D 88 -3.43 -6.64 1.78
C GLY D 88 -2.61 -5.43 1.44
N GLU D 89 -1.33 -5.64 1.15
CA GLU D 89 -0.49 -4.55 0.76
C GLU D 89 0.24 -4.97 -0.50
N MET D 90 0.14 -4.18 -1.57
CA MET D 90 0.65 -4.58 -2.89
C MET D 90 2.13 -4.18 -2.94
N LEU D 91 2.84 -4.75 -2.01
CA LEU D 91 4.26 -4.53 -1.83
C LEU D 91 5.05 -5.80 -1.62
N LEU D 92 6.27 -5.83 -2.16
CA LEU D 92 7.12 -6.98 -2.06
C LEU D 92 8.41 -6.60 -1.30
N GLY D 93 9.44 -6.13 -2.02
CA GLY D 93 10.71 -5.79 -1.36
C GLY D 93 10.60 -4.80 -0.21
N SER D 94 9.70 -3.82 -0.29
CA SER D 94 9.60 -2.88 0.84
C SER D 94 9.02 -3.50 2.11
N LEU D 95 8.38 -4.67 1.98
CA LEU D 95 7.96 -5.43 3.12
C LEU D 95 8.83 -6.67 3.35
N LEU D 96 10.08 -6.61 2.85
CA LEU D 96 11.01 -7.72 3.05
C LEU D 96 10.48 -9.08 2.56
N ARG D 97 9.79 -9.07 1.41
CA ARG D 97 9.44 -10.30 0.76
C ARG D 97 9.69 -10.30 -0.76
N THR D 98 9.74 -11.51 -1.30
CA THR D 98 10.07 -11.71 -2.70
C THR D 98 9.08 -12.72 -3.24
N VAL D 99 8.83 -12.65 -4.56
CA VAL D 99 8.00 -13.67 -5.24
C VAL D 99 8.71 -14.31 -6.43
N GLY D 100 8.42 -15.58 -6.65
CA GLY D 100 8.79 -16.29 -7.90
C GLY D 100 7.49 -16.83 -8.45
N LEU D 101 7.17 -16.43 -9.68
CA LEU D 101 5.87 -16.75 -10.24
C LEU D 101 5.91 -17.32 -11.64
N ARG D 102 4.92 -18.19 -11.92
CA ARG D 102 4.50 -18.49 -13.29
C ARG D 102 3.19 -17.74 -13.53
N PHE D 103 2.97 -17.27 -14.75
CA PHE D 103 1.73 -16.57 -15.07
C PHE D 103 1.15 -17.09 -16.37
N ALA D 104 -0.16 -16.94 -16.50
CA ALA D 104 -0.88 -17.23 -17.72
C ALA D 104 -1.80 -16.03 -18.01
N VAL D 105 -1.90 -15.63 -19.29
CA VAL D 105 -2.88 -14.63 -19.68
C VAL D 105 -3.73 -15.28 -20.77
N LEU D 106 -5.03 -15.28 -20.59
CA LEU D 106 -5.95 -15.93 -21.50
C LEU D 106 -6.93 -14.88 -21.96
N ARG D 107 -7.22 -14.86 -23.27
CA ARG D 107 -8.13 -13.87 -23.83
C ARG D 107 -9.19 -14.51 -24.74
N GLY D 108 -10.46 -14.22 -24.46
CA GLY D 108 -11.55 -14.77 -25.26
C GLY D 108 -12.87 -14.49 -24.59
N ASN D 109 -13.95 -14.96 -25.19
CA ASN D 109 -15.31 -14.74 -24.63
C ASN D 109 -15.83 -15.93 -23.81
N PRO D 110 -15.90 -15.78 -22.47
CA PRO D 110 -16.33 -16.90 -21.66
C PRO D 110 -17.85 -17.04 -21.53
N TYR D 111 -18.63 -16.15 -22.16
CA TYR D 111 -20.10 -16.15 -22.01
C TYR D 111 -20.84 -16.88 -23.13
N GLU D 112 -22.10 -17.21 -22.86
CA GLU D 112 -22.98 -17.83 -23.86
C GLU D 112 -23.23 -16.88 -24.99
N SER D 113 -23.44 -15.59 -24.65
CA SER D 113 -23.74 -14.56 -25.64
C SER D 113 -22.47 -14.06 -26.30
N GLU D 114 -22.44 -14.09 -27.63
CA GLU D 114 -21.30 -13.59 -28.39
C GLU D 114 -21.13 -12.09 -28.20
N ALA D 115 -22.20 -11.44 -27.75
CA ALA D 115 -22.24 -10.00 -27.56
C ALA D 115 -21.44 -9.51 -26.33
N GLU D 116 -21.10 -10.42 -25.43
CA GLU D 116 -20.27 -10.08 -24.26
C GLU D 116 -18.84 -9.70 -24.62
N GLY D 117 -18.45 -9.98 -25.86
CA GLY D 117 -17.11 -9.64 -26.35
C GLY D 117 -16.00 -10.40 -25.67
N ASP D 118 -14.78 -9.92 -25.82
CA ASP D 118 -13.63 -10.58 -25.28
C ASP D 118 -13.40 -10.14 -23.83
N TRP D 119 -12.91 -11.09 -23.02
CA TRP D 119 -12.48 -10.82 -21.64
C TRP D 119 -11.08 -11.35 -21.49
N ILE D 120 -10.40 -10.91 -20.42
CA ILE D 120 -9.05 -11.35 -20.19
C ILE D 120 -8.89 -11.85 -18.75
N ALA D 121 -8.13 -12.93 -18.59
CA ALA D 121 -7.79 -13.43 -17.26
C ALA D 121 -6.28 -13.47 -17.12
N VAL D 122 -5.80 -12.95 -15.99
CA VAL D 122 -4.42 -13.04 -15.62
C VAL D 122 -4.36 -13.95 -14.39
N SER D 123 -3.53 -14.98 -14.47
CA SER D 123 -3.42 -15.95 -13.38
C SER D 123 -2.00 -16.09 -12.97
N LEU D 124 -1.77 -16.17 -11.66
CA LEU D 124 -0.41 -16.18 -11.12
C LEU D 124 -0.29 -17.28 -10.10
N TYR D 125 0.84 -17.98 -10.12
CA TYR D 125 1.12 -19.05 -9.16
C TYR D 125 2.60 -19.17 -8.90
N GLY D 126 2.97 -19.24 -7.62
CA GLY D 126 4.35 -19.46 -7.28
C GLY D 126 4.54 -19.47 -5.79
N THR D 127 5.64 -18.86 -5.37
CA THR D 127 5.95 -18.77 -3.96
C THR D 127 6.24 -17.31 -3.56
N ILE D 128 5.93 -16.98 -2.30
CA ILE D 128 6.23 -15.68 -1.73
C ILE D 128 6.96 -15.98 -0.42
N GLY D 129 7.93 -15.17 -0.06
CA GLY D 129 8.73 -15.51 1.12
C GLY D 129 9.69 -14.44 1.53
N ALA D 130 10.40 -14.70 2.62
CA ALA D 130 11.57 -13.92 3.01
C ALA D 130 12.59 -14.15 1.88
N PRO D 131 13.51 -13.22 1.71
CA PRO D 131 14.57 -13.37 0.69
C PRO D 131 15.65 -14.39 1.07
N ILE D 132 15.24 -15.57 1.52
CA ILE D 132 16.16 -16.66 1.82
C ILE D 132 15.49 -17.90 1.27
N LYS D 133 16.16 -18.58 0.35
CA LYS D 133 15.58 -19.76 -0.25
C LYS D 133 14.99 -20.68 0.78
N GLY D 134 13.74 -21.06 0.57
CA GLY D 134 13.08 -22.03 1.41
C GLY D 134 12.18 -21.44 2.48
N LEU D 135 12.42 -20.19 2.81
CA LEU D 135 11.58 -19.46 3.78
C LEU D 135 10.41 -18.85 3.00
N GLU D 136 9.56 -19.72 2.50
CA GLU D 136 8.48 -19.30 1.58
C GLU D 136 7.32 -20.25 1.61
N HIS D 137 6.16 -19.78 1.15
CA HIS D 137 5.00 -20.63 0.87
C HIS D 137 4.38 -20.23 -0.44
N GLU D 138 3.40 -21.02 -0.89
CA GLU D 138 2.78 -20.79 -2.17
C GLU D 138 1.95 -19.55 -2.18
N THR D 139 1.77 -19.01 -3.36
CA THR D 139 0.90 -17.87 -3.51
C THR D 139 0.15 -17.98 -4.85
N PHE D 140 -1.01 -17.31 -4.95
CA PHE D 140 -1.87 -17.49 -6.07
C PHE D 140 -2.73 -16.21 -6.29
N GLY D 141 -3.04 -15.92 -7.54
CA GLY D 141 -3.91 -14.79 -7.82
C GLY D 141 -4.54 -14.88 -9.20
N VAL D 142 -5.80 -14.48 -9.30
CA VAL D 142 -6.50 -14.39 -10.59
C VAL D 142 -7.27 -13.09 -10.69
N GLY D 143 -7.10 -12.40 -11.82
CA GLY D 143 -7.82 -11.18 -12.07
C GLY D 143 -8.50 -11.35 -13.40
N ILE D 144 -9.74 -10.85 -13.50
CA ILE D 144 -10.54 -10.99 -14.75
C ILE D 144 -11.12 -9.65 -15.14
N ASN D 145 -11.04 -9.28 -16.42
CA ASN D 145 -11.57 -8.02 -16.87
C ASN D 145 -12.17 -8.11 -18.29
N HIS D 146 -13.05 -7.17 -18.64
CA HIS D 146 -13.52 -7.08 -20.06
C HIS D 146 -12.46 -6.36 -20.88
N ILE D 147 -12.38 -6.69 -22.18
CA ILE D 147 -11.36 -6.13 -23.07
C ILE D 147 -11.94 -5.89 -24.46
#